data_9CUD
#
_entry.id   9CUD
#
_cell.length_a   80.072
_cell.length_b   122.946
_cell.length_c   36.445
_cell.angle_alpha   90.00
_cell.angle_beta   90.00
_cell.angle_gamma   90.00
#
_symmetry.space_group_name_H-M   'P 21 21 2'
#
loop_
_entity.id
_entity.type
_entity.pdbx_description
1 polymer 'Stimulator of interferon genes protein'
2 non-polymer (2E)-1-[(2E)-4-{(2E)-5-carbamoyl-2-[(1-ethyl-3-methyl-1H-pyrazole-5-carbonyl)imino]-3-methyl-2,3-dihydro-1H-1,3-benzimidazol-1-yl}-2,3-dimethylbut-2-en-1-yl]-2-[(1-ethyl-3-methyl-1H-pyrazole-5-carbonyl)imino]-7-[(3-methoxyphenyl)methoxy]-3-methyl-2,3-dihydro-1H-1,3-benzimidazole-5-carboxamide
3 water water
#
_entity_poly.entity_id   1
_entity_poly.type   'polypeptide(L)'
_entity_poly.pdbx_seq_one_letter_code
;MGSSHHHHHHSSGETVRFQGHMSVAHGLAWSYYIGYLRLILPELQARIRTYNQHYNNLLRGAVSQRLYILLPLDCGVPDN
LSMADPNIRFLDKLPQQTADRAGIKDRVYSNSIYELLENGQRAGTCVLEYATPLQTLFAMSQYSQAGFSREDRLEQAKLF
CQTLEDILADAPESQNNCRLIAYQEPADDSSFSLSQEVLRHLRQEEKEEV
;
_entity_poly.pdbx_strand_id   A,B
#
loop_
_chem_comp.id
_chem_comp.type
_chem_comp.name
_chem_comp.formula
A1A4W non-polymer (2E)-1-[(2E)-4-{(2E)-5-carbamoyl-2-[(1-ethyl-3-methyl-1H-pyrazole-5-carbonyl)imino]-3-methyl-2,3-dihydro-1H-1,3-benzimidazol-1-yl}-2,3-dimethylbut-2-en-1-yl]-2-[(1-ethyl-3-methyl-1H-pyrazole-5-carbonyl)imino]-7-[(3-methoxyphenyl)methoxy]-3-methyl-2,3-dihydro-1H-1,3-benzimidazole-5-carboxamide 'C46 H52 N12 O6'
#
# COMPACT_ATOMS: atom_id res chain seq x y z
N MET A 22 14.76 10.59 2.07
CA MET A 22 15.40 9.89 0.97
C MET A 22 15.79 8.46 1.38
N SER A 23 15.03 7.83 2.26
CA SER A 23 15.29 6.49 2.79
C SER A 23 14.10 5.55 2.50
N VAL A 24 14.24 4.25 2.82
CA VAL A 24 13.12 3.28 2.72
C VAL A 24 11.94 3.79 3.56
N ALA A 25 12.23 4.25 4.78
CA ALA A 25 11.20 4.75 5.69
C ALA A 25 10.40 5.91 5.10
N HIS A 26 11.07 6.82 4.37
CA HIS A 26 10.36 8.00 3.85
C HIS A 26 9.30 7.63 2.83
N GLY A 27 9.63 6.71 1.94
CA GLY A 27 8.67 6.25 0.95
C GLY A 27 7.50 5.52 1.60
N LEU A 28 7.80 4.69 2.61
CA LEU A 28 6.73 3.94 3.30
C LEU A 28 5.81 4.88 4.07
N ALA A 29 6.36 5.89 4.76
CA ALA A 29 5.52 6.85 5.50
C ALA A 29 4.62 7.64 4.54
N TRP A 30 5.19 8.11 3.42
CA TRP A 30 4.38 8.87 2.46
C TRP A 30 3.33 8.00 1.77
N SER A 31 3.65 6.74 1.45
CA SER A 31 2.66 5.84 0.82
C SER A 31 1.52 5.57 1.80
N TYR A 32 1.85 5.31 3.07
CA TYR A 32 0.86 5.03 4.10
C TYR A 32 -0.06 6.24 4.33
N TYR A 33 0.51 7.45 4.31
CA TYR A 33 -0.31 8.66 4.46
C TYR A 33 -1.17 8.93 3.20
N ILE A 34 -0.55 9.03 2.03
CA ILE A 34 -1.26 9.32 0.80
C ILE A 34 -2.27 8.25 0.43
N GLY A 35 -1.87 6.98 0.56
CA GLY A 35 -2.69 5.85 0.14
C GLY A 35 -3.61 5.25 1.17
N TYR A 36 -3.62 5.80 2.42
CA TYR A 36 -4.50 5.26 3.43
C TYR A 36 -4.96 6.33 4.44
N LEU A 37 -4.05 6.86 5.28
CA LEU A 37 -4.48 7.80 6.32
C LEU A 37 -5.22 9.04 5.81
N ARG A 38 -4.72 9.70 4.74
CA ARG A 38 -5.41 10.89 4.24
C ARG A 38 -6.84 10.57 3.72
N LEU A 39 -7.11 9.30 3.38
CA LEU A 39 -8.42 8.88 2.86
C LEU A 39 -9.39 8.45 3.96
N ILE A 40 -8.89 7.89 5.08
CA ILE A 40 -9.79 7.41 6.15
C ILE A 40 -9.93 8.39 7.32
N LEU A 41 -8.91 9.22 7.63
CA LEU A 41 -9.01 10.13 8.76
C LEU A 41 -10.11 11.22 8.65
N PRO A 42 -10.37 11.83 7.47
CA PRO A 42 -11.44 12.85 7.41
C PRO A 42 -12.84 12.38 7.82
N GLU A 43 -13.17 11.09 7.63
CA GLU A 43 -14.49 10.58 7.99
C GLU A 43 -14.51 9.81 9.32
N LEU A 44 -13.36 9.59 9.96
CA LEU A 44 -13.34 8.76 11.17
C LEU A 44 -14.18 9.30 12.31
N GLN A 45 -14.08 10.60 12.64
CA GLN A 45 -14.84 11.19 13.74
CA GLN A 45 -14.83 11.18 13.75
C GLN A 45 -16.35 10.95 13.60
N ALA A 46 -16.88 11.12 12.39
CA ALA A 46 -18.31 10.92 12.17
C ALA A 46 -18.71 9.45 12.32
N ARG A 47 -17.84 8.49 11.93
CA ARG A 47 -18.15 7.07 12.08
C ARG A 47 -18.18 6.66 13.56
N ILE A 48 -17.22 7.18 14.37
CA ILE A 48 -17.15 6.91 15.81
C ILE A 48 -18.41 7.48 16.47
N ARG A 49 -18.78 8.73 16.10
CA ARG A 49 -19.97 9.38 16.65
C ARG A 49 -21.25 8.59 16.34
N THR A 50 -21.37 8.08 15.10
CA THR A 50 -22.56 7.29 14.72
C THR A 50 -22.64 6.03 15.56
N TYR A 51 -21.49 5.37 15.79
CA TYR A 51 -21.44 4.18 16.60
C TYR A 51 -21.85 4.50 18.05
N ASN A 52 -21.22 5.52 18.68
CA ASN A 52 -21.50 5.89 20.07
C ASN A 52 -22.97 6.33 20.27
N GLN A 53 -23.52 7.11 19.34
CA GLN A 53 -24.90 7.56 19.43
C GLN A 53 -25.87 6.38 19.34
N HIS A 54 -25.63 5.47 18.37
CA HIS A 54 -26.49 4.31 18.13
C HIS A 54 -26.58 3.36 19.33
N TYR A 55 -25.43 2.90 19.84
CA TYR A 55 -25.43 2.00 20.98
C TYR A 55 -25.52 2.78 22.28
N ARG A 60 -18.96 -0.82 29.90
CA ARG A 60 -19.52 0.53 29.81
C ARG A 60 -18.46 1.53 29.29
N GLY A 61 -18.93 2.68 28.81
CA GLY A 61 -18.05 3.73 28.28
C GLY A 61 -18.07 3.85 26.78
N ALA A 62 -17.94 5.09 26.29
CA ALA A 62 -17.95 5.40 24.86
C ALA A 62 -16.60 5.11 24.19
N VAL A 63 -16.65 4.87 22.87
CA VAL A 63 -15.43 4.65 22.09
C VAL A 63 -14.73 5.97 22.00
N SER A 64 -13.45 5.98 22.35
CA SER A 64 -12.68 7.19 22.29
C SER A 64 -12.52 7.61 20.83
N GLN A 65 -12.45 8.91 20.60
CA GLN A 65 -12.20 9.42 19.27
C GLN A 65 -10.73 9.11 18.94
N ARG A 66 -10.37 9.32 17.70
CA ARG A 66 -9.03 9.15 17.19
C ARG A 66 -8.68 7.69 16.90
N LEU A 67 -7.86 7.55 15.90
CA LEU A 67 -7.37 6.26 15.44
C LEU A 67 -6.01 6.06 16.13
N TYR A 68 -5.86 4.97 16.86
CA TYR A 68 -4.60 4.64 17.54
C TYR A 68 -3.83 3.63 16.71
N ILE A 69 -2.63 4.02 16.24
CA ILE A 69 -1.86 3.15 15.38
C ILE A 69 -0.71 2.55 16.17
N LEU A 70 -0.63 1.22 16.24
CA LEU A 70 0.42 0.53 16.96
C LEU A 70 1.62 0.42 16.06
N LEU A 71 2.76 0.84 16.60
CA LEU A 71 4.01 0.84 15.87
C LEU A 71 5.06 0.05 16.63
N PRO A 72 5.01 -1.29 16.56
CA PRO A 72 6.08 -2.08 17.19
C PRO A 72 7.36 -1.88 16.40
N LEU A 73 8.36 -1.27 17.02
CA LEU A 73 9.62 -0.99 16.33
C LEU A 73 10.38 -2.25 15.96
N ASP A 74 10.13 -3.39 16.66
CA ASP A 74 10.72 -4.67 16.23
C ASP A 74 10.03 -5.22 14.95
N CYS A 75 8.96 -4.53 14.44
CA CYS A 75 8.22 -4.88 13.23
C CYS A 75 7.53 -6.24 13.31
N GLY A 76 7.26 -6.74 14.51
CA GLY A 76 6.51 -7.97 14.71
C GLY A 76 5.05 -7.61 14.69
N VAL A 77 4.37 -7.83 13.56
CA VAL A 77 2.95 -7.51 13.44
C VAL A 77 2.17 -8.83 13.46
N PRO A 78 1.45 -9.16 14.55
CA PRO A 78 0.73 -10.44 14.58
C PRO A 78 -0.48 -10.44 13.65
N ASP A 79 -0.97 -11.65 13.35
CA ASP A 79 -2.10 -11.81 12.43
C ASP A 79 -3.42 -11.31 13.02
N ASN A 80 -3.58 -11.33 14.36
CA ASN A 80 -4.83 -10.90 14.99
C ASN A 80 -4.57 -10.09 16.27
N LEU A 81 -4.78 -8.77 16.19
CA LEU A 81 -4.56 -7.84 17.31
C LEU A 81 -5.22 -8.31 18.60
N ASP A 85 -2.64 -9.53 23.12
CA ASP A 85 -2.49 -9.24 24.54
C ASP A 85 -3.75 -9.73 25.28
N PRO A 86 -3.64 -10.41 26.46
CA PRO A 86 -4.87 -10.83 27.17
C PRO A 86 -5.78 -9.69 27.60
N ASN A 87 -5.24 -8.47 27.74
CA ASN A 87 -6.00 -7.30 28.17
C ASN A 87 -6.45 -6.39 27.02
N ILE A 88 -6.39 -6.86 25.77
CA ILE A 88 -6.90 -6.11 24.61
C ILE A 88 -7.88 -7.07 23.98
N ARG A 89 -9.18 -6.81 24.06
CA ARG A 89 -10.19 -7.71 23.51
C ARG A 89 -11.03 -7.04 22.43
N PHE A 90 -11.23 -7.74 21.30
CA PHE A 90 -12.06 -7.24 20.20
C PHE A 90 -13.51 -7.08 20.66
N LEU A 91 -14.17 -5.97 20.30
CA LEU A 91 -15.58 -5.77 20.63
C LEU A 91 -16.44 -5.78 19.37
N ASP A 92 -16.06 -4.96 18.36
CA ASP A 92 -16.89 -4.82 17.18
C ASP A 92 -16.16 -4.06 16.09
N LYS A 93 -16.69 -4.18 14.91
CA LYS A 93 -16.21 -3.44 13.77
C LYS A 93 -16.86 -2.03 13.87
N LEU A 94 -16.29 -1.03 13.21
CA LEU A 94 -16.89 0.31 13.11
C LEU A 94 -17.78 0.36 11.80
N PRO A 95 -18.81 1.25 11.63
CA PRO A 95 -19.56 1.26 10.36
C PRO A 95 -18.63 1.67 9.22
N GLN A 96 -18.58 0.90 8.13
CA GLN A 96 -17.62 1.09 7.03
C GLN A 96 -17.70 2.43 6.27
N GLN A 97 -16.58 2.77 5.56
CA GLN A 97 -16.36 3.96 4.72
C GLN A 97 -15.60 5.06 5.46
N VAL A 108 -15.13 0.92 2.02
CA VAL A 108 -14.44 -0.36 1.95
C VAL A 108 -13.29 -0.44 2.98
N TYR A 109 -13.50 0.18 4.15
CA TYR A 109 -12.51 0.18 5.21
C TYR A 109 -13.10 -0.51 6.40
N SER A 110 -12.37 -1.49 6.89
CA SER A 110 -12.70 -2.29 8.06
C SER A 110 -11.82 -1.76 9.17
N ASN A 111 -12.44 -1.22 10.23
CA ASN A 111 -11.69 -0.78 11.41
C ASN A 111 -12.30 -1.43 12.63
N SER A 112 -11.46 -1.82 13.58
CA SER A 112 -11.91 -2.56 14.76
C SER A 112 -11.79 -1.78 16.05
N ILE A 113 -12.81 -1.95 16.91
CA ILE A 113 -12.91 -1.35 18.24
C ILE A 113 -12.54 -2.41 19.26
N TYR A 114 -11.67 -2.06 20.21
CA TYR A 114 -11.22 -2.98 21.26
C TYR A 114 -11.43 -2.38 22.63
N GLU A 115 -11.59 -3.25 23.63
CA GLU A 115 -11.62 -2.83 25.02
C GLU A 115 -10.21 -3.07 25.56
N LEU A 116 -9.80 -2.24 26.50
CA LEU A 116 -8.52 -2.32 27.16
C LEU A 116 -8.80 -2.59 28.61
N LEU A 117 -8.26 -3.68 29.15
CA LEU A 117 -8.50 -4.06 30.53
C LEU A 117 -7.35 -3.65 31.43
N GLU A 118 -7.69 -3.29 32.66
CA GLU A 118 -6.75 -2.95 33.71
C GLU A 118 -7.35 -3.50 34.99
N ASN A 119 -6.57 -4.30 35.73
CA ASN A 119 -7.04 -4.98 36.94
C ASN A 119 -8.31 -5.83 36.64
N GLY A 120 -8.35 -6.43 35.43
CA GLY A 120 -9.42 -7.28 34.96
C GLY A 120 -10.67 -6.60 34.43
N GLN A 121 -10.81 -5.27 34.61
CA GLN A 121 -12.01 -4.56 34.14
C GLN A 121 -11.70 -3.56 33.02
N ARG A 122 -12.73 -3.20 32.24
CA ARG A 122 -12.63 -2.24 31.13
C ARG A 122 -12.20 -0.87 31.61
N ALA A 123 -11.02 -0.42 31.15
CA ALA A 123 -10.44 0.88 31.48
C ALA A 123 -10.44 1.87 30.29
N GLY A 124 -10.73 1.38 29.08
CA GLY A 124 -10.79 2.21 27.88
C GLY A 124 -11.32 1.43 26.70
N THR A 125 -11.77 2.15 25.67
CA THR A 125 -12.30 1.55 24.44
C THR A 125 -11.85 2.43 23.29
N CYS A 126 -11.21 1.83 22.27
CA CYS A 126 -10.73 2.64 21.16
C CYS A 126 -10.58 1.86 19.86
N VAL A 127 -10.45 2.59 18.74
CA VAL A 127 -10.20 2.02 17.43
C VAL A 127 -8.69 1.84 17.37
N LEU A 128 -8.23 0.62 17.12
CA LEU A 128 -6.82 0.31 17.18
C LEU A 128 -6.40 -0.54 16.00
N GLU A 129 -5.18 -0.30 15.49
CA GLU A 129 -4.67 -1.11 14.38
C GLU A 129 -3.19 -0.97 14.23
N TYR A 130 -2.56 -2.00 13.68
CA TYR A 130 -1.13 -1.98 13.47
C TYR A 130 -0.76 -1.20 12.22
N ALA A 131 0.40 -0.54 12.23
CA ALA A 131 0.91 0.17 11.06
C ALA A 131 1.39 -0.89 10.08
N THR A 132 0.63 -1.15 9.02
CA THR A 132 1.00 -2.18 8.04
C THR A 132 2.37 -2.00 7.39
N PRO A 133 2.92 -0.78 7.16
CA PRO A 133 4.25 -0.70 6.50
C PRO A 133 5.34 -1.41 7.29
N LEU A 134 5.17 -1.59 8.62
CA LEU A 134 6.17 -2.31 9.41
C LEU A 134 6.26 -3.78 8.95
N GLN A 135 5.19 -4.35 8.34
CA GLN A 135 5.21 -5.69 7.75
C GLN A 135 6.18 -5.73 6.60
N THR A 136 6.25 -4.66 5.78
CA THR A 136 7.17 -4.61 4.67
C THR A 136 8.58 -4.51 5.20
N LEU A 137 8.82 -3.71 6.27
CA LEU A 137 10.16 -3.63 6.86
C LEU A 137 10.59 -5.02 7.38
N PHE A 138 9.65 -5.77 8.00
CA PHE A 138 9.96 -7.12 8.47
C PHE A 138 10.30 -8.04 7.30
N ALA A 139 9.46 -8.04 6.24
CA ALA A 139 9.71 -8.86 5.06
C ALA A 139 11.03 -8.52 4.40
N MET A 140 11.36 -7.22 4.26
CA MET A 140 12.65 -6.82 3.67
C MET A 140 13.83 -7.40 4.48
N SER A 141 13.73 -7.42 5.82
CA SER A 141 14.79 -8.00 6.62
C SER A 141 14.88 -9.54 6.42
N GLN A 142 13.75 -10.19 6.07
CA GLN A 142 13.70 -11.64 5.85
C GLN A 142 14.18 -12.10 4.46
N TYR A 143 13.95 -11.28 3.40
CA TYR A 143 14.31 -11.64 2.00
C TYR A 143 15.75 -11.21 1.66
N SER A 144 16.65 -12.15 1.28
CA SER A 144 18.04 -11.81 0.96
C SER A 144 18.15 -10.76 -0.16
N GLN A 145 17.24 -10.79 -1.15
CA GLN A 145 17.28 -9.87 -2.30
C GLN A 145 17.13 -8.40 -1.86
N ALA A 146 16.54 -8.14 -0.68
CA ALA A 146 16.39 -6.77 -0.22
C ALA A 146 17.70 -6.15 0.30
N GLY A 147 18.72 -6.98 0.63
CA GLY A 147 20.00 -6.51 1.17
C GLY A 147 19.79 -5.59 2.37
N PHE A 148 18.89 -6.00 3.25
CA PHE A 148 18.40 -5.18 4.34
C PHE A 148 18.51 -5.95 5.63
N SER A 149 19.40 -5.54 6.52
CA SER A 149 19.65 -6.25 7.77
C SER A 149 18.61 -5.96 8.87
N ARG A 150 18.63 -6.72 9.97
CA ARG A 150 17.77 -6.45 11.11
C ARG A 150 18.17 -5.11 11.78
N GLU A 151 19.44 -4.72 11.70
CA GLU A 151 19.91 -3.44 12.22
C GLU A 151 19.31 -2.31 11.35
N ASP A 152 19.34 -2.47 10.01
CA ASP A 152 18.72 -1.49 9.10
C ASP A 152 17.22 -1.39 9.39
N ARG A 153 16.57 -2.55 9.64
CA ARG A 153 15.14 -2.58 9.91
C ARG A 153 14.75 -1.70 11.10
N LEU A 154 15.48 -1.80 12.22
CA LEU A 154 15.14 -1.01 13.41
C LEU A 154 15.38 0.46 13.14
N GLU A 155 16.48 0.81 12.44
CA GLU A 155 16.75 2.21 12.09
C GLU A 155 15.62 2.78 11.22
N GLN A 156 15.20 2.03 10.20
CA GLN A 156 14.13 2.48 9.33
C GLN A 156 12.78 2.51 10.04
N ALA A 157 12.54 1.61 11.03
CA ALA A 157 11.28 1.63 11.77
C ALA A 157 11.19 2.91 12.59
N LYS A 158 12.31 3.32 13.22
CA LYS A 158 12.33 4.54 13.99
C LYS A 158 12.16 5.74 13.08
N LEU A 159 12.80 5.72 11.91
CA LEU A 159 12.70 6.83 10.97
C LEU A 159 11.27 6.92 10.40
N PHE A 160 10.61 5.77 10.18
CA PHE A 160 9.23 5.72 9.68
C PHE A 160 8.32 6.41 10.70
N CYS A 161 8.48 6.08 11.99
CA CYS A 161 7.67 6.67 13.05
CA CYS A 161 7.66 6.69 13.04
C CYS A 161 7.84 8.19 13.08
N GLN A 162 9.11 8.66 13.04
CA GLN A 162 9.40 10.09 13.09
C GLN A 162 8.83 10.81 11.87
N THR A 163 9.03 10.23 10.68
CA THR A 163 8.55 10.85 9.45
C THR A 163 7.02 10.93 9.44
N LEU A 164 6.34 9.86 9.87
CA LEU A 164 4.88 9.85 9.88
C LEU A 164 4.36 10.86 10.88
N GLU A 165 5.02 10.98 12.07
CA GLU A 165 4.64 11.96 13.09
C GLU A 165 4.68 13.38 12.49
N ASP A 166 5.75 13.68 11.76
CA ASP A 166 5.92 15.01 11.16
C ASP A 166 4.93 15.27 10.03
N ILE A 167 4.56 14.24 9.24
CA ILE A 167 3.55 14.44 8.19
C ILE A 167 2.21 14.78 8.86
N LEU A 168 1.81 14.01 9.87
CA LEU A 168 0.54 14.21 10.55
C LEU A 168 0.47 15.52 11.32
N ALA A 169 1.60 16.00 11.85
CA ALA A 169 1.61 17.28 12.57
C ALA A 169 1.26 18.45 11.65
N ASP A 170 1.64 18.36 10.36
CA ASP A 170 1.37 19.37 9.34
C ASP A 170 0.01 19.13 8.61
N ALA A 171 -0.76 18.10 8.99
CA ALA A 171 -2.07 17.78 8.38
C ALA A 171 -3.14 17.76 9.50
N PRO A 172 -3.75 18.92 9.82
CA PRO A 172 -4.73 18.95 10.93
C PRO A 172 -5.88 17.95 10.83
N ASN A 177 -7.28 13.49 14.81
CA ASN A 177 -8.01 12.23 14.68
C ASN A 177 -7.08 10.99 14.59
N CYS A 178 -5.79 11.13 14.96
CA CYS A 178 -4.81 10.04 14.84
C CYS A 178 -3.74 10.17 15.93
N ARG A 179 -3.21 9.03 16.45
CA ARG A 179 -2.13 9.04 17.44
C ARG A 179 -1.25 7.79 17.26
N LEU A 180 0.10 7.98 17.16
CA LEU A 180 1.04 6.89 16.96
C LEU A 180 1.50 6.37 18.33
N ILE A 181 1.49 5.05 18.51
CA ILE A 181 1.92 4.38 19.73
C ILE A 181 3.15 3.55 19.36
N ALA A 182 4.36 4.12 19.51
CA ALA A 182 5.63 3.40 19.15
C ALA A 182 6.21 2.76 20.38
N TYR A 183 6.68 1.52 20.24
CA TYR A 183 7.23 0.79 21.37
C TYR A 183 8.14 -0.34 20.90
N GLN A 184 9.06 -0.74 21.76
CA GLN A 184 9.98 -1.84 21.50
C GLN A 184 9.68 -2.89 22.54
N GLU A 185 9.18 -4.07 22.11
CA GLU A 185 8.86 -5.13 23.08
C GLU A 185 10.16 -5.79 23.55
N SER A 191 8.54 -9.44 30.67
CA SER A 191 7.11 -9.24 30.44
C SER A 191 6.84 -7.80 30.00
N PHE A 192 5.84 -7.61 29.14
CA PHE A 192 5.49 -6.29 28.63
C PHE A 192 3.98 -6.26 28.39
N SER A 193 3.31 -5.20 28.85
CA SER A 193 1.86 -5.05 28.68
C SER A 193 1.54 -4.04 27.58
N LEU A 194 0.99 -4.53 26.45
CA LEU A 194 0.58 -3.64 25.38
C LEU A 194 -0.65 -2.83 25.79
N SER A 195 -1.56 -3.41 26.60
CA SER A 195 -2.73 -2.67 27.08
C SER A 195 -2.27 -1.45 27.91
N GLN A 196 -1.25 -1.61 28.76
CA GLN A 196 -0.75 -0.47 29.55
C GLN A 196 -0.15 0.60 28.63
N GLU A 197 0.49 0.18 27.52
CA GLU A 197 1.05 1.09 26.55
C GLU A 197 -0.08 1.92 25.90
N VAL A 198 -1.17 1.27 25.47
CA VAL A 198 -2.28 2.00 24.84
C VAL A 198 -2.99 2.90 25.88
N LEU A 199 -3.26 2.35 27.08
CA LEU A 199 -3.91 3.12 28.14
C LEU A 199 -3.17 4.38 28.52
N ARG A 200 -1.82 4.36 28.47
CA ARG A 200 -1.05 5.57 28.80
C ARG A 200 -1.34 6.66 27.76
N HIS A 201 -1.44 6.29 26.47
CA HIS A 201 -1.76 7.25 25.41
C HIS A 201 -3.22 7.73 25.51
N LEU A 202 -4.17 6.81 25.76
CA LEU A 202 -5.57 7.20 25.90
C LEU A 202 -5.80 8.20 27.03
N ARG A 203 -5.13 8.00 28.18
CA ARG A 203 -5.33 8.89 29.33
CA ARG A 203 -5.34 8.90 29.32
C ARG A 203 -4.59 10.22 29.18
N MET B 22 19.10 1.45 0.23
CA MET B 22 18.07 2.01 1.09
C MET B 22 17.59 3.37 0.54
N SER B 23 16.91 3.38 -0.61
CA SER B 23 16.36 4.61 -1.19
C SER B 23 14.82 4.59 -1.03
N VAL B 24 14.16 5.71 -1.36
CA VAL B 24 12.67 5.79 -1.38
C VAL B 24 12.12 4.70 -2.32
N ALA B 25 12.73 4.56 -3.50
CA ALA B 25 12.31 3.57 -4.49
C ALA B 25 12.37 2.15 -3.95
N HIS B 26 13.40 1.83 -3.14
CA HIS B 26 13.60 0.47 -2.61
C HIS B 26 12.40 0.06 -1.72
N GLY B 27 11.99 0.95 -0.83
CA GLY B 27 10.86 0.69 0.04
C GLY B 27 9.56 0.56 -0.73
N LEU B 28 9.36 1.41 -1.73
CA LEU B 28 8.12 1.36 -2.52
C LEU B 28 8.06 0.08 -3.37
N ALA B 29 9.18 -0.34 -3.97
CA ALA B 29 9.20 -1.58 -4.76
C ALA B 29 8.92 -2.79 -3.85
N TRP B 30 9.56 -2.84 -2.67
CA TRP B 30 9.33 -3.95 -1.75
C TRP B 30 7.89 -3.96 -1.18
N SER B 31 7.32 -2.80 -0.88
CA SER B 31 5.92 -2.74 -0.38
C SER B 31 4.96 -3.20 -1.48
N TYR B 32 5.18 -2.77 -2.71
CA TYR B 32 4.32 -3.14 -3.85
C TYR B 32 4.41 -4.66 -4.13
N TYR B 33 5.61 -5.23 -4.00
CA TYR B 33 5.76 -6.68 -4.18
C TYR B 33 5.14 -7.46 -3.01
N ILE B 34 5.57 -7.18 -1.78
CA ILE B 34 5.09 -7.89 -0.59
C ILE B 34 3.59 -7.71 -0.37
N GLY B 35 3.11 -6.49 -0.50
CA GLY B 35 1.73 -6.14 -0.23
C GLY B 35 0.74 -6.25 -1.37
N TYR B 36 1.19 -6.63 -2.58
CA TYR B 36 0.28 -6.75 -3.71
C TYR B 36 0.73 -7.85 -4.69
N LEU B 37 1.86 -7.65 -5.42
CA LEU B 37 2.22 -8.62 -6.46
C LEU B 37 2.38 -10.06 -5.98
N ARG B 38 3.07 -10.28 -4.83
CA ARG B 38 3.25 -11.67 -4.35
C ARG B 38 1.91 -12.33 -3.98
N LEU B 39 0.86 -11.53 -3.73
CA LEU B 39 -0.47 -12.05 -3.36
C LEU B 39 -1.36 -12.29 -4.58
N ILE B 40 -1.22 -11.48 -5.63
CA ILE B 40 -2.06 -11.61 -6.83
C ILE B 40 -1.45 -12.52 -7.93
N LEU B 41 -0.13 -12.49 -8.12
CA LEU B 41 0.48 -13.22 -9.22
C LEU B 41 0.33 -14.77 -9.17
N PRO B 42 0.37 -15.44 -8.00
CA PRO B 42 0.20 -16.90 -7.98
C PRO B 42 -1.13 -17.42 -8.55
N GLU B 43 -2.21 -16.64 -8.50
CA GLU B 43 -3.50 -17.08 -9.07
C GLU B 43 -3.77 -16.50 -10.48
N LEU B 44 -2.86 -15.63 -11.01
CA LEU B 44 -3.09 -14.97 -12.30
C LEU B 44 -3.21 -15.93 -13.49
N GLN B 45 -2.33 -16.93 -13.58
CA GLN B 45 -2.36 -17.86 -14.72
C GLN B 45 -3.67 -18.62 -14.77
N ALA B 46 -4.22 -19.06 -13.63
CA ALA B 46 -5.49 -19.80 -13.62
C ALA B 46 -6.65 -18.91 -14.04
N ARG B 47 -6.62 -17.62 -13.64
CA ARG B 47 -7.66 -16.67 -14.00
C ARG B 47 -7.64 -16.39 -15.51
N ILE B 48 -6.44 -16.19 -16.09
CA ILE B 48 -6.30 -15.96 -17.53
C ILE B 48 -6.77 -17.23 -18.30
N ARG B 49 -6.36 -18.42 -17.85
CA ARG B 49 -6.76 -19.69 -18.47
C ARG B 49 -8.28 -19.83 -18.48
N THR B 50 -8.96 -19.49 -17.37
CA THR B 50 -10.41 -19.58 -17.31
C THR B 50 -11.07 -18.67 -18.35
N TYR B 51 -10.55 -17.43 -18.54
CA TYR B 51 -11.10 -16.52 -19.54
C TYR B 51 -10.84 -17.05 -20.97
N ASN B 52 -9.61 -17.52 -21.23
CA ASN B 52 -9.27 -18.02 -22.58
C ASN B 52 -10.04 -19.28 -22.96
N GLN B 53 -10.22 -20.19 -22.02
CA GLN B 53 -10.97 -21.42 -22.26
C GLN B 53 -12.43 -21.11 -22.57
N ALA B 62 -5.87 -14.81 -28.02
CA ALA B 62 -6.02 -15.13 -26.60
C ALA B 62 -5.42 -14.03 -25.72
N VAL B 63 -5.87 -13.94 -24.46
CA VAL B 63 -5.36 -12.98 -23.49
C VAL B 63 -3.93 -13.45 -23.17
N SER B 64 -2.96 -12.54 -23.18
CA SER B 64 -1.56 -12.84 -22.83
C SER B 64 -1.45 -13.39 -21.38
N GLN B 65 -0.44 -14.23 -21.13
CA GLN B 65 -0.25 -14.87 -19.82
C GLN B 65 0.41 -13.98 -18.77
N ARG B 66 0.78 -12.74 -19.09
CA ARG B 66 1.48 -11.88 -18.11
C ARG B 66 0.62 -10.69 -17.63
N LEU B 67 0.88 -10.20 -16.40
CA LEU B 67 0.29 -8.97 -15.92
C LEU B 67 1.21 -7.88 -16.45
N TYR B 68 0.70 -6.95 -17.25
CA TYR B 68 1.51 -5.84 -17.75
C TYR B 68 1.22 -4.61 -16.88
N ILE B 69 2.28 -4.07 -16.30
CA ILE B 69 2.18 -2.94 -15.38
C ILE B 69 2.73 -1.69 -16.07
N LEU B 70 1.90 -0.64 -16.18
CA LEU B 70 2.32 0.62 -16.80
C LEU B 70 3.06 1.44 -15.78
N LEU B 71 4.26 1.90 -16.15
CA LEU B 71 5.11 2.69 -15.27
C LEU B 71 5.47 4.00 -15.96
N PRO B 72 4.55 4.97 -15.98
CA PRO B 72 4.91 6.30 -16.51
C PRO B 72 5.95 6.93 -15.59
N LEU B 73 7.17 7.11 -16.09
CA LEU B 73 8.26 7.65 -15.27
C LEU B 73 8.03 9.07 -14.84
N ASP B 74 7.18 9.85 -15.56
CA ASP B 74 6.81 11.18 -15.09
C ASP B 74 5.82 11.11 -13.89
N CYS B 75 5.38 9.88 -13.49
CA CYS B 75 4.50 9.62 -12.35
C CYS B 75 3.11 10.24 -12.49
N GLY B 76 2.68 10.49 -13.72
CA GLY B 76 1.33 10.97 -13.99
C GLY B 76 0.45 9.74 -14.17
N VAL B 77 -0.32 9.41 -13.14
CA VAL B 77 -1.20 8.22 -13.19
C VAL B 77 -2.64 8.73 -13.33
N PRO B 78 -3.29 8.57 -14.49
CA PRO B 78 -4.66 9.07 -14.63
C PRO B 78 -5.68 8.26 -13.84
N ASP B 79 -6.86 8.84 -13.63
CA ASP B 79 -7.91 8.21 -12.84
C ASP B 79 -8.52 6.99 -13.54
N ASN B 80 -8.52 6.96 -14.89
CA ASN B 80 -9.14 5.86 -15.63
C ASN B 80 -8.32 5.40 -16.86
N LEU B 81 -7.81 4.15 -16.84
CA LEU B 81 -7.07 3.54 -17.96
C LEU B 81 -7.97 3.23 -19.16
N SER B 82 -9.27 2.96 -18.95
CA SER B 82 -10.18 2.67 -20.07
C SER B 82 -10.45 3.91 -20.97
N MET B 83 -9.96 5.12 -20.57
CA MET B 83 -10.09 6.34 -21.36
C MET B 83 -8.71 7.02 -21.61
N ALA B 84 -7.58 6.34 -21.32
CA ALA B 84 -6.25 6.90 -21.49
C ALA B 84 -5.75 6.98 -22.94
N ASP B 85 -6.18 6.06 -23.81
CA ASP B 85 -5.68 6.03 -25.19
C ASP B 85 -6.81 5.54 -26.12
N PRO B 86 -7.05 6.15 -27.30
CA PRO B 86 -8.13 5.64 -28.17
C PRO B 86 -7.94 4.19 -28.65
N ASN B 87 -6.70 3.69 -28.66
CA ASN B 87 -6.39 2.35 -29.12
C ASN B 87 -6.20 1.33 -27.97
N ILE B 88 -6.64 1.67 -26.75
CA ILE B 88 -6.62 0.74 -25.62
C ILE B 88 -8.06 0.71 -25.18
N ARG B 89 -8.77 -0.39 -25.45
CA ARG B 89 -10.19 -0.49 -25.12
C ARG B 89 -10.45 -1.60 -24.14
N PHE B 90 -11.23 -1.29 -23.11
CA PHE B 90 -11.64 -2.28 -22.11
C PHE B 90 -12.43 -3.42 -22.76
N LEU B 91 -11.99 -4.67 -22.54
CA LEU B 91 -12.64 -5.86 -23.10
C LEU B 91 -13.51 -6.52 -22.03
N ASP B 92 -12.94 -6.79 -20.84
CA ASP B 92 -13.64 -7.51 -19.79
C ASP B 92 -12.86 -7.51 -18.47
N LYS B 93 -13.53 -7.86 -17.33
CA LYS B 93 -12.84 -8.07 -16.05
C LYS B 93 -12.24 -9.46 -16.11
N LEU B 94 -11.03 -9.59 -15.57
CA LEU B 94 -10.35 -10.87 -15.50
C LEU B 94 -11.09 -11.66 -14.43
N PRO B 95 -11.70 -12.80 -14.78
CA PRO B 95 -12.50 -13.53 -13.80
C PRO B 95 -11.71 -14.11 -12.63
N GLN B 96 -12.43 -14.50 -11.59
CA GLN B 96 -11.84 -15.20 -10.46
C GLN B 96 -11.76 -16.69 -10.85
N GLN B 97 -10.71 -17.39 -10.39
CA GLN B 97 -10.56 -18.81 -10.73
C GLN B 97 -11.55 -19.66 -9.91
N ARG B 107 -7.52 -11.20 -0.48
CA ARG B 107 -8.56 -10.31 -0.96
C ARG B 107 -9.08 -10.75 -2.34
N VAL B 108 -10.23 -10.20 -2.77
CA VAL B 108 -10.77 -10.47 -4.10
C VAL B 108 -10.25 -9.34 -5.01
N TYR B 109 -9.27 -9.66 -5.87
CA TYR B 109 -8.64 -8.66 -6.73
C TYR B 109 -9.41 -8.35 -8.01
N SER B 110 -9.52 -7.04 -8.36
CA SER B 110 -10.20 -6.56 -9.55
CA SER B 110 -10.20 -6.59 -9.57
C SER B 110 -9.14 -6.27 -10.63
N ASN B 111 -9.14 -7.01 -11.74
CA ASN B 111 -8.15 -6.78 -12.81
C ASN B 111 -8.88 -6.72 -14.14
N SER B 112 -8.40 -5.87 -15.05
CA SER B 112 -9.07 -5.63 -16.33
C SER B 112 -8.24 -6.08 -17.53
N ILE B 113 -8.95 -6.65 -18.53
CA ILE B 113 -8.41 -7.10 -19.80
C ILE B 113 -8.74 -6.04 -20.84
N TYR B 114 -7.74 -5.64 -21.65
CA TYR B 114 -7.91 -4.64 -22.69
C TYR B 114 -7.43 -5.18 -24.03
N GLU B 115 -8.07 -4.72 -25.11
CA GLU B 115 -7.57 -4.99 -26.47
C GLU B 115 -6.70 -3.79 -26.87
N LEU B 116 -5.61 -4.05 -27.56
CA LEU B 116 -4.72 -3.01 -28.07
C LEU B 116 -4.94 -2.97 -29.57
N LEU B 117 -5.33 -1.82 -30.12
CA LEU B 117 -5.60 -1.64 -31.54
C LEU B 117 -4.40 -1.10 -32.31
N GLU B 118 -4.25 -1.55 -33.52
CA GLU B 118 -3.22 -1.09 -34.47
C GLU B 118 -3.89 -1.08 -35.84
N ASN B 119 -3.81 0.04 -36.57
CA ASN B 119 -4.53 0.17 -37.85
C ASN B 119 -6.06 -0.04 -37.65
N GLY B 120 -6.59 0.35 -36.50
CA GLY B 120 -8.00 0.22 -36.19
C GLY B 120 -8.44 -1.19 -35.77
N GLN B 121 -7.50 -2.16 -35.73
CA GLN B 121 -7.85 -3.57 -35.44
C GLN B 121 -7.17 -4.12 -34.24
N ARG B 122 -7.78 -5.15 -33.65
CA ARG B 122 -7.19 -5.82 -32.50
C ARG B 122 -5.86 -6.47 -32.88
N ALA B 123 -4.77 -6.00 -32.26
CA ALA B 123 -3.41 -6.52 -32.48
C ALA B 123 -2.87 -7.28 -31.25
N GLY B 124 -3.55 -7.17 -30.11
CA GLY B 124 -3.16 -7.84 -28.88
C GLY B 124 -4.20 -7.66 -27.79
N THR B 125 -4.15 -8.51 -26.77
CA THR B 125 -5.09 -8.49 -25.65
C THR B 125 -4.32 -8.84 -24.40
N CYS B 126 -4.42 -8.03 -23.34
CA CYS B 126 -3.69 -8.33 -22.11
C CYS B 126 -4.31 -7.71 -20.87
N VAL B 127 -3.90 -8.21 -19.69
CA VAL B 127 -4.32 -7.65 -18.41
C VAL B 127 -3.37 -6.47 -18.17
N LEU B 128 -3.92 -5.29 -17.92
CA LEU B 128 -3.11 -4.08 -17.84
C LEU B 128 -3.54 -3.20 -16.68
N GLU B 129 -2.56 -2.55 -16.01
CA GLU B 129 -2.85 -1.64 -14.90
C GLU B 129 -1.66 -0.76 -14.54
N TYR B 130 -1.89 0.41 -13.94
CA TYR B 130 -0.81 1.33 -13.55
C TYR B 130 -0.14 0.91 -12.25
N ALA B 131 1.17 1.20 -12.13
CA ALA B 131 1.92 0.93 -10.90
C ALA B 131 1.54 2.04 -9.89
N THR B 132 0.69 1.71 -8.91
CA THR B 132 0.24 2.70 -7.91
C THR B 132 1.36 3.41 -7.10
N PRO B 133 2.52 2.80 -6.81
CA PRO B 133 3.53 3.55 -6.01
C PRO B 133 4.01 4.83 -6.69
N LEU B 134 3.88 4.93 -8.03
CA LEU B 134 4.27 6.16 -8.72
C LEU B 134 3.38 7.34 -8.27
N GLN B 135 2.16 7.08 -7.78
CA GLN B 135 1.29 8.12 -7.21
C GLN B 135 1.95 8.71 -5.95
N THR B 136 2.61 7.87 -5.14
CA THR B 136 3.30 8.35 -3.94
C THR B 136 4.50 9.18 -4.33
N LEU B 137 5.26 8.75 -5.36
CA LEU B 137 6.40 9.54 -5.83
C LEU B 137 5.93 10.93 -6.32
N PHE B 138 4.77 10.98 -7.01
CA PHE B 138 4.21 12.25 -7.46
C PHE B 138 3.85 13.13 -6.25
N ALA B 139 3.13 12.56 -5.27
CA ALA B 139 2.74 13.31 -4.07
C ALA B 139 3.95 13.83 -3.31
N MET B 140 5.00 13.00 -3.14
CA MET B 140 6.21 13.45 -2.44
C MET B 140 6.85 14.66 -3.15
N SER B 141 6.84 14.67 -4.49
CA SER B 141 7.38 15.83 -5.22
C SER B 141 6.50 17.07 -5.03
N GLN B 142 5.19 16.90 -4.77
CA GLN B 142 4.26 18.02 -4.59
C GLN B 142 4.35 18.68 -3.22
N TYR B 143 4.64 17.92 -2.16
CA TYR B 143 4.63 18.47 -0.81
C TYR B 143 6.00 18.86 -0.29
N SER B 144 6.15 20.13 0.11
CA SER B 144 7.41 20.66 0.61
C SER B 144 7.99 19.83 1.77
N GLN B 145 7.13 19.26 2.64
CA GLN B 145 7.56 18.47 3.80
CA GLN B 145 7.56 18.47 3.79
C GLN B 145 8.41 17.26 3.40
N ALA B 146 8.21 16.73 2.20
CA ALA B 146 8.95 15.55 1.75
C ALA B 146 10.41 15.87 1.37
N GLY B 147 10.74 17.14 1.10
CA GLY B 147 12.09 17.56 0.68
C GLY B 147 12.54 16.77 -0.54
N PHE B 148 11.63 16.60 -1.49
CA PHE B 148 11.79 15.71 -2.62
C PHE B 148 11.49 16.44 -3.90
N SER B 149 12.51 16.71 -4.71
CA SER B 149 12.35 17.49 -5.94
C SER B 149 11.79 16.68 -7.11
N ARG B 150 11.40 17.36 -8.22
CA ARG B 150 10.94 16.66 -9.42
C ARG B 150 12.13 15.88 -10.05
N GLU B 151 13.38 16.35 -9.86
CA GLU B 151 14.57 15.65 -10.34
C GLU B 151 14.73 14.36 -9.52
N ASP B 152 14.56 14.42 -8.17
CA ASP B 152 14.60 13.22 -7.32
C ASP B 152 13.50 12.26 -7.74
N ARG B 153 12.30 12.78 -8.05
CA ARG B 153 11.16 11.94 -8.45
C ARG B 153 11.50 11.06 -9.64
N LEU B 154 12.08 11.65 -10.70
CA LEU B 154 12.39 10.88 -11.90
C LEU B 154 13.47 9.86 -11.60
N GLU B 155 14.49 10.22 -10.82
CA GLU B 155 15.55 9.27 -10.45
C GLU B 155 14.95 8.09 -9.66
N GLN B 156 14.08 8.38 -8.69
CA GLN B 156 13.46 7.32 -7.91
C GLN B 156 12.46 6.50 -8.73
N ALA B 157 11.81 7.10 -9.73
CA ALA B 157 10.87 6.33 -10.58
C ALA B 157 11.66 5.31 -11.39
N LYS B 158 12.83 5.73 -11.92
CA LYS B 158 13.67 4.81 -12.68
C LYS B 158 14.24 3.72 -11.77
N LEU B 159 14.65 4.09 -10.55
CA LEU B 159 15.20 3.12 -9.60
C LEU B 159 14.11 2.14 -9.13
N PHE B 160 12.85 2.61 -8.99
CA PHE B 160 11.72 1.77 -8.61
C PHE B 160 11.52 0.70 -9.68
N CYS B 161 11.55 1.10 -10.96
CA CYS B 161 11.42 0.17 -12.07
C CYS B 161 12.52 -0.89 -12.03
N GLN B 162 13.78 -0.47 -11.88
CA GLN B 162 14.91 -1.39 -11.86
C GLN B 162 14.82 -2.35 -10.67
N THR B 163 14.51 -1.83 -9.48
CA THR B 163 14.41 -2.66 -8.28
C THR B 163 13.31 -3.68 -8.41
N LEU B 164 12.14 -3.25 -8.92
CA LEU B 164 11.01 -4.15 -9.05
C LEU B 164 11.32 -5.23 -10.06
N GLU B 165 11.95 -4.88 -11.19
CA GLU B 165 12.30 -5.87 -12.22
C GLU B 165 13.25 -6.94 -11.62
N ASP B 166 14.23 -6.52 -10.78
CA ASP B 166 15.16 -7.45 -10.15
C ASP B 166 14.46 -8.34 -9.09
N ILE B 167 13.48 -7.79 -8.35
CA ILE B 167 12.72 -8.62 -7.39
C ILE B 167 11.96 -9.71 -8.17
N LEU B 168 11.27 -9.31 -9.24
CA LEU B 168 10.46 -10.25 -10.04
C LEU B 168 11.30 -11.28 -10.78
N ALA B 169 12.51 -10.92 -11.20
CA ALA B 169 13.39 -11.86 -11.90
C ALA B 169 13.77 -13.05 -11.02
N ASP B 170 13.91 -12.82 -9.70
CA ASP B 170 14.31 -13.85 -8.74
C ASP B 170 13.13 -14.42 -7.91
N ALA B 171 11.90 -13.85 -8.03
CA ALA B 171 10.76 -14.32 -7.23
C ALA B 171 10.34 -15.75 -7.62
N PRO B 172 9.55 -16.48 -6.79
CA PRO B 172 9.20 -17.88 -7.16
C PRO B 172 8.59 -18.08 -8.56
N GLU B 173 8.80 -19.28 -9.16
CA GLU B 173 8.29 -19.58 -10.51
C GLU B 173 6.77 -19.74 -10.50
N ASN B 177 5.48 -14.14 -15.33
CA ASN B 177 4.07 -13.77 -15.45
C ASN B 177 3.82 -12.27 -15.16
N CYS B 178 4.86 -11.42 -14.99
CA CYS B 178 4.67 -9.99 -14.76
C CYS B 178 5.73 -9.20 -15.52
N ARG B 179 5.29 -8.22 -16.33
CA ARG B 179 6.19 -7.37 -17.14
C ARG B 179 5.93 -5.93 -16.81
N LEU B 180 7.01 -5.19 -16.78
CA LEU B 180 6.95 -3.77 -16.51
C LEU B 180 7.12 -3.01 -17.81
N ILE B 181 6.26 -2.00 -18.03
CA ILE B 181 6.28 -1.14 -19.22
C ILE B 181 6.59 0.27 -18.76
N ALA B 182 7.86 0.65 -18.76
CA ALA B 182 8.32 1.96 -18.37
C ALA B 182 8.44 2.89 -19.58
N TYR B 183 7.96 4.13 -19.42
CA TYR B 183 7.97 5.10 -20.51
C TYR B 183 7.88 6.50 -19.97
N GLN B 184 8.39 7.46 -20.74
CA GLN B 184 8.38 8.87 -20.38
C GLN B 184 7.54 9.59 -21.41
N SER B 191 2.49 14.12 -29.78
CA SER B 191 1.63 12.96 -29.71
C SER B 191 2.43 11.70 -29.32
N PHE B 192 1.81 10.80 -28.57
CA PHE B 192 2.46 9.58 -28.09
C PHE B 192 1.41 8.49 -28.02
N SER B 193 1.72 7.30 -28.55
CA SER B 193 0.79 6.18 -28.54
C SER B 193 1.13 5.16 -27.44
N LEU B 194 0.29 5.09 -26.40
CA LEU B 194 0.47 4.12 -25.34
C LEU B 194 0.20 2.70 -25.85
N SER B 195 -0.76 2.54 -26.79
CA SER B 195 -1.02 1.22 -27.37
C SER B 195 0.23 0.69 -28.08
N GLN B 196 0.95 1.54 -28.83
CA GLN B 196 2.19 1.10 -29.48
C GLN B 196 3.26 0.70 -28.44
N GLU B 197 3.26 1.38 -27.30
CA GLU B 197 4.20 1.07 -26.22
C GLU B 197 3.89 -0.34 -25.67
N VAL B 198 2.61 -0.65 -25.41
CA VAL B 198 2.25 -1.96 -24.87
C VAL B 198 2.51 -3.03 -25.95
N LEU B 199 2.07 -2.77 -27.19
CA LEU B 199 2.28 -3.73 -28.28
C LEU B 199 3.73 -4.09 -28.51
N ARG B 200 4.66 -3.15 -28.30
CA ARG B 200 6.09 -3.43 -28.47
CA ARG B 200 6.08 -3.44 -28.49
C ARG B 200 6.52 -4.52 -27.47
N HIS B 201 6.04 -4.40 -26.21
CA HIS B 201 6.35 -5.38 -25.17
C HIS B 201 5.67 -6.71 -25.45
N LEU B 202 4.39 -6.70 -25.83
CA LEU B 202 3.67 -7.94 -26.11
C LEU B 202 4.30 -8.75 -27.23
N ARG B 203 4.78 -8.07 -28.29
CA ARG B 203 5.40 -8.75 -29.43
C ARG B 203 6.77 -9.33 -29.12
N GLN B 204 7.40 -8.95 -28.01
CA GLN B 204 8.67 -9.57 -27.61
C GLN B 204 8.35 -10.95 -27.03
N GLU B 205 7.29 -11.07 -26.21
CA GLU B 205 6.90 -12.35 -25.60
C GLU B 205 6.47 -13.37 -26.63
N1 A1A4W C . 1.20 2.14 1.75
N1 A1A4W C . 2.45 -0.73 -1.69
N3 A1A4W C . -2.51 0.07 2.78
N3 A1A4W C . -1.46 -1.95 -3.05
C4 A1A4W C . -7.25 -0.79 2.79
C4 A1A4W C . -5.63 -4.21 -3.44
C5 A1A4W C . -8.48 -5.15 1.92
C5 A1A4W C . -9.29 -2.06 -3.05
C6 A1A4W C . -6.48 -0.91 5.50
C6 A1A4W C . -4.88 -3.64 -6.10
C7 A1A4W C . -4.86 -3.37 -6.33
C7 A1A4W C . -6.39 -0.81 5.53
C8 A1A4W C . -6.49 -4.40 -4.87
C8 A1A4W C . -8.11 -1.19 3.88
C10 A1A4W C . 1.18 0.47 3.25
C10 A1A4W C . 1.33 0.53 -3.19
N12 A1A4W C . -6.24 -4.88 -8.43
N12 A1A4W C . -8.51 -1.04 7.48
C13 A1A4W C . -6.05 -4.09 -6.15
C13 A1A4W C . -7.71 -1.11 5.21
C15 A1A4W C . -5.93 -0.62 3.17
C15 A1A4W C . -4.46 -3.51 -3.71
C17 A1A4W C . -4.13 -3.04 -5.21
C17 A1A4W C . -5.51 -0.51 4.50
C20 A1A4W C . -5.75 -4.05 -3.76
C20 A1A4W C . -7.21 -0.92 2.86
C21 A1A4W C . -0.11 0.64 2.83
C21 A1A4W C . 0.55 -0.56 -2.91
C22 A1A4W C . 0.68 -0.63 -2.95
C22 A1A4W C . -0.16 0.80 2.77
C24 A1A4W C . 2.68 0.15 -2.41
C24 A1A4W C . 1.96 1.36 2.51
C26 A1A4W C . -2.59 -2.26 -3.79
C26 A1A4W C . -3.74 0.00 3.26
C28 A1A4W C . -6.87 -4.47 -7.35
C28 A1A4W C . -8.74 -1.42 6.24
C1 A1A4W C . -9.46 -5.14 0.93
C1 A1A4W C . -10.15 -2.65 -2.13
C2 A1A4W C . -8.18 -1.05 3.78
C2 A1A4W C . -6.41 -4.60 -4.49
C3 A1A4W C . -9.12 -5.02 -0.40
C3 A1A4W C . -10.01 -2.41 -0.79
C9 A1A4W C . -6.81 -4.89 0.19
C9 A1A4W C . -8.13 -0.98 -1.24
C11 A1A4W C . 1.58 0.36 -3.26
C11 A1A4W C . 1.11 0.46 3.16
C12 A1A4W C . -7.82 -1.06 5.13
C12 A1A4W C . -6.03 -4.36 -5.82
C14 A1A4W C . -7.80 -4.88 -0.78
C14 A1A4W C . -8.98 -1.59 -0.32
C16 A1A4W C . -5.55 -0.66 4.50
C16 A1A4W C . -4.09 -3.22 -5.03
C18 A1A4W C . -4.54 -3.36 -3.92
C18 A1A4W C . -5.90 -0.59 3.17
C19 A1A4W C . -7.16 -5.01 1.54
C19 A1A4W C . -8.30 -1.22 -2.59
C23 A1A4W C . 1.94 1.41 2.57
C23 A1A4W C . 2.50 0.37 -2.42
C25 A1A4W C . -3.72 -0.26 3.29
C25 A1A4W C . -2.53 -2.40 -3.67
C27 A1A4W C . -8.85 -1.32 6.18
C27 A1A4W C . -6.90 -4.91 -6.91
C29 A1A4W C . -1.30 -0.09 3.32
C29 A1A4W C . -0.74 -0.93 -3.50
C30 A1A4W C . -0.60 -0.88 -3.62
C30 A1A4W C . -1.42 0.20 3.26
C31 A1A4W C . -4.16 -1.53 0.36
C31 A1A4W C . -3.98 -1.66 -0.89
C32 A1A4W C . -4.11 -1.65 -0.98
C32 A1A4W C . -4.14 -1.51 0.42
C33 A1A4W C . 3.42 1.66 2.66
C33 A1A4W C . 3.69 1.28 -2.35
C34 A1A4W C . 3.94 0.94 -2.32
C34 A1A4W C . 3.46 1.44 2.57
C35 A1A4W C . -3.71 -2.60 1.32
C35 A1A4W C . -4.30 -0.59 -1.91
C36 A1A4W C . -4.57 -0.59 -1.94
C36 A1A4W C . -3.88 -2.60 1.42
C37 A1A4W C . -1.48 1.42 -0.09
C37 A1A4W C . 0.21 -2.20 0.00
C38 A1A4W C . 0.04 -2.16 0.04
C38 A1A4W C . -1.33 1.90 -0.16
C39 A1A4W C . -3.42 -0.41 5.80
C39 A1A4W C . -2.12 -2.10 -6.15
C40 A1A4W C . -2.15 -1.87 -6.24
C40 A1A4W C . -3.40 0.03 5.76
C41 A1A4W C . -6.37 -4.26 3.66
C41 A1A4W C . -7.66 0.70 -3.89
C42 A1A4W C . -7.46 -4.77 -2.24
C42 A1A4W C . -8.86 -1.33 1.16
C43 A1A4W C . -4.71 -0.28 0.98
C43 A1A4W C . -3.50 -2.97 -1.45
C44 A1A4W C . -3.57 -2.91 -1.60
C44 A1A4W C . -4.67 -0.21 0.97
C45 A1A4W C . -1.15 2.24 1.12
C45 A1A4W C . 0.88 -2.54 -1.30
C46 A1A4W C . 0.73 -2.54 -1.23
C46 A1A4W C . -1.06 2.58 1.16
N2 A1A4W C . 2.48 -0.90 -1.61
N2 A1A4W C . 1.28 2.21 1.75
N4 A1A4W C . -1.49 -1.79 -3.18
N4 A1A4W C . -2.61 0.49 2.74
N5 A1A4W C . -0.07 1.66 1.92
N5 A1A4W C . 1.27 -1.32 -2.02
N6 A1A4W C . 1.25 -1.37 -1.96
N6 A1A4W C . -0.04 1.86 1.93
N7 A1A4W C . -4.18 -0.44 4.56
N7 A1A4W C . -2.89 -2.53 -4.99
N8 A1A4W C . -2.92 -2.36 -5.10
N8 A1A4W C . -4.17 -0.16 4.53
N9 A1A4W C . -4.78 -0.34 2.43
N9 A1A4W C . -3.47 -3.00 -2.90
N10 A1A4W C . -3.56 -2.88 -3.05
N10 A1A4W C . -4.79 -0.22 2.42
N11 A1A4W C . -8.84 -0.57 7.27
N11 A1A4W C . -6.33 -5.16 -8.09
O1 A1A4W C . -9.69 -2.22 5.99
O1 A1A4W C . -8.09 -5.13 -6.69
O2 A1A4W C . -8.10 -4.38 -7.29
O2 A1A4W C . -9.76 -2.02 5.90
O3 A1A4W C . -1.00 -1.01 4.08
O3 A1A4W C . -1.25 -0.05 -4.20
O4 A1A4W C . -0.89 0.00 -4.42
O4 A1A4W C . -1.25 -0.83 3.91
O5 A1A4W C . -6.16 -5.03 2.48
O5 A1A4W C . -7.48 -0.68 -3.55
O6 A1A4W C . -6.11 -4.33 -2.47
O6 A1A4W C . -7.53 -0.95 1.52
H4 A1A4W C . -7.55 -0.75 1.75
H4 A1A4W C . -5.92 -4.43 -2.42
H5 A1A4W C . -8.78 -5.25 2.95
H5 A1A4W C . -9.43 -2.26 -4.11
H6 A1A4W C . -6.17 -0.92 6.54
H6 A1A4W C . -4.54 -3.44 -7.12
H7 A1A4W C . -4.49 -3.11 -7.31
H7 A1A4W C . -6.05 -0.73 6.57
H8 A1A4W C . -7.42 -4.98 -4.77
H8 A1A4W C . -9.15 -1.38 3.65
H10 A1A4W C . 1.54 -0.25 3.99
H10 A1A4W C . 1.12 1.34 -3.87
H51 A1A4W C . -5.23 -4.96 -8.52
H51 A1A4W C . -7.68 -0.54 7.79
H52 A1A4W C . -6.76 -5.15 -9.27
H52 A1A4W C . -9.19 -1.23 8.22
H1 A1A4W C . -10.51 -5.23 1.21
H1 A1A4W C . -10.94 -3.31 -2.48
H2 A1A4W C . -9.23 -1.15 3.51
H2 A1A4W C . -7.30 -5.21 -4.28
H3 A1A4W C . -9.90 -5.01 -1.15
H3 A1A4W C . -10.68 -2.88 -0.08
H9 A1A4W C . -5.75 -4.82 -0.05
H9 A1A4W C . -7.34 -0.31 -0.92
H11 A1A4W C . 1.47 1.13 -4.01
H11 A1A4W C . 1.40 -0.34 3.84
H13 A1A4W C . 3.93 0.88 3.22
H13 A1A4W C . 4.52 0.93 -2.94
H12 A1A4W C . 3.62 2.60 3.16
H12 A1A4W C . 4.03 1.37 -1.32
H14 A1A4W C . 3.87 1.71 1.67
H14 A1A4W C . 3.44 2.28 -2.70
H15 A1A4W C . 4.23 1.09 -1.29
H15 A1A4W C . 3.87 1.65 1.59
H17 A1A4W C . 3.82 1.92 -2.78
H17 A1A4W C . 3.88 0.50 2.92
H16 A1A4W C . 4.78 0.46 -2.83
H16 A1A4W C . 3.80 2.23 3.25
H18 A1A4W C . -3.32 -3.50 0.84
H18 A1A4W C . -4.62 0.36 -1.48
H19 A1A4W C . -4.53 -2.95 1.95
H19 A1A4W C . -5.09 -0.88 -2.60
H20 A1A4W C . -2.93 -2.25 1.99
H20 A1A4W C . -3.42 -0.36 -2.51
H22 A1A4W C . -3.80 -0.30 -2.65
H22 A1A4W C . -3.19 -2.28 2.21
H23 A1A4W C . -4.88 0.34 -1.47
H23 A1A4W C . -3.43 -3.50 1.02
H21 A1A4W C . -5.40 -0.93 -2.54
H21 A1A4W C . -4.79 -2.90 1.93
H24 A1A4W C . -2.24 1.87 -0.73
H24 A1A4W C . -0.08 -3.09 0.57
H26 A1A4W C . -1.84 0.42 0.15
H26 A1A4W C . -0.71 -1.62 -0.12
H25 A1A4W C . -0.59 1.28 -0.72
H25 A1A4W C . 0.87 -1.62 0.64
H27 A1A4W C . -0.18 -3.01 0.67
H27 A1A4W C . -2.08 2.42 -0.75
H28 A1A4W C . -0.92 -1.68 -0.18
H28 A1A4W C . -1.70 0.89 0.00
H29 A1A4W C . 0.61 -1.45 0.65
H29 A1A4W C . -0.44 1.81 -0.79
H31 A1A4W C . -2.39 -0.73 5.63
H31 A1A4W C . -2.10 -1.02 -6.23
H30 A1A4W C . -3.86 -1.03 6.58
H30 A1A4W C . -2.52 -2.50 -7.09
H32 A1A4W C . -3.37 0.61 6.20
H32 A1A4W C . -1.09 -2.43 -6.08
H35 A1A4W C . -2.80 -1.63 -7.10
H35 A1A4W C . -3.90 -0.38 6.64
H34 A1A4W C . -1.45 -2.62 -6.59
H34 A1A4W C . -3.22 1.07 5.97
H33 A1A4W C . -1.61 -0.96 -5.99
H33 A1A4W C . -2.43 -0.48 5.68
H36 A1A4W C . -5.37 -4.19 4.09
H36 A1A4W C . -8.53 0.68 -4.56
H37 A1A4W C . -7.03 -4.77 4.35
H37 A1A4W C . -7.92 1.29 -3.02
H38 A1A4W C . -6.76 -3.25 3.47
H38 A1A4W C . -6.82 1.14 -4.40
H40 A1A4W C . -8.21 -4.14 -2.72
H40 A1A4W C . -9.22 -2.22 1.67
H39 A1A4W C . -7.52 -5.75 -2.71
H39 A1A4W C . -9.50 -0.51 1.47
H41 A1A4W C . -5.71 -0.03 0.64
H41 A1A4W C . -4.12 -3.82 -1.15
H42 A1A4W C . -4.09 0.58 0.69
H42 A1A4W C . -2.51 -3.18 -1.05
H44 A1A4W C . -2.55 -3.15 -1.28
H44 A1A4W C . -4.05 0.64 0.70
H43 A1A4W C . -4.18 -3.75 -1.27
H43 A1A4W C . -5.65 -0.02 0.54
H46 A1A4W C . -0.88 3.25 0.82
H46 A1A4W C . 1.77 -3.14 -1.12
H45 A1A4W C . -2.03 2.37 1.76
H45 A1A4W C . 0.25 -3.15 -1.93
H47 A1A4W C . 0.08 -3.12 -1.90
H47 A1A4W C . -1.96 2.66 1.76
H48 A1A4W C . 1.57 -3.19 -1.02
H48 A1A4W C . -0.72 3.60 1.01
H49 A1A4W C . -9.50 -0.67 8.03
H49 A1A4W C . -6.85 -5.53 -8.87
H50 A1A4W C . -8.15 0.17 7.40
H50 A1A4W C . -5.34 -4.99 -8.26
#